data_6NCG
#
_entry.id   6NCG
#
_cell.length_a   54.528
_cell.length_b   67.625
_cell.length_c   171.346
_cell.angle_alpha   90.00
_cell.angle_beta   90.00
_cell.angle_gamma   90.00
#
_symmetry.space_group_name_H-M   'P 21 21 21'
#
loop_
_entity.id
_entity.type
_entity.pdbx_description
1 polymer 'Serine/threonine-protein kinase VRK2'
2 non-polymer 4-[6-amino-5-(3,5-difluoro-4-hydroxyphenyl)pyridin-3-yl]benzene-1-sulfonamide
3 non-polymer 'SULFATE ION'
4 water water
#
_entity_poly.entity_id   1
_entity_poly.type   'polypeptide(L)'
_entity_poly.pdbx_seq_one_letter_code
;SMPFPEGKVLDDMEGNQWVLGKKIGSGGFGLIYLAFPTNKPEKDARHVVKVEYQENGPLFSELKFYQRVAKKDCIKKWIE
RKQLDYLGIPLFYGSGLTEFKGRSYRFMVMERLGIDLQKISGQNGTFKKSTVLQLGIRMLDVLEYIHENEYVHGDIKAAN
LLLGYKNPDQVYLADYGLSYRYCPNGNHKQYQENPRKGHNGTIEFTSLDAHKGVALSRRSDVEILGYCMLRWLCGKLPWE
QNLKDPVAVQTAKTNLLDELPQSVLKWAPSGSSCCEIAQFLVCAHSLAYDEKPNYQALKKILNPHGIPLGPLDFSTKGQS
INVH
;
_entity_poly.pdbx_strand_id   A,B
#
loop_
_chem_comp.id
_chem_comp.type
_chem_comp.name
_chem_comp.formula
KJD non-polymer 4-[6-amino-5-(3,5-difluoro-4-hydroxyphenyl)pyridin-3-yl]benzene-1-sulfonamide 'C17 H13 F2 N3 O3 S'
SO4 non-polymer 'SULFATE ION' 'O4 S -2'
#
# COMPACT_ATOMS: atom_id res chain seq x y z
N PRO A 3 -28.54 3.18 3.55
CA PRO A 3 -28.10 3.25 4.94
C PRO A 3 -29.26 3.41 5.92
N PHE A 4 -29.04 4.14 7.01
CA PHE A 4 -30.07 4.44 7.98
C PHE A 4 -30.53 5.90 7.82
N PRO A 5 -31.85 6.14 7.80
CA PRO A 5 -32.39 7.50 7.74
C PRO A 5 -32.08 8.37 8.97
N GLU A 6 -31.95 9.66 8.74
CA GLU A 6 -31.74 10.62 9.83
C GLU A 6 -32.95 10.65 10.76
N GLY A 7 -32.71 10.91 12.04
CA GLY A 7 -33.78 10.97 13.04
C GLY A 7 -34.22 9.64 13.62
N LYS A 8 -33.68 8.52 13.12
CA LYS A 8 -34.01 7.19 13.66
C LYS A 8 -33.71 7.11 15.16
N VAL A 9 -34.58 6.43 15.90
CA VAL A 9 -34.43 6.34 17.34
C VAL A 9 -33.92 4.93 17.69
N LEU A 10 -32.84 4.88 18.48
CA LEU A 10 -32.17 3.65 18.87
C LEU A 10 -32.21 3.44 20.38
N ASP A 11 -32.38 2.18 20.80
CA ASP A 11 -32.48 1.80 22.23
C ASP A 11 -31.25 1.02 22.69
N ASP A 12 -30.43 1.64 23.53
CA ASP A 12 -29.25 0.96 24.02
C ASP A 12 -29.67 -0.02 25.12
N MET A 13 -28.71 -0.78 25.63
CA MET A 13 -28.99 -1.87 26.55
C MET A 13 -28.91 -1.42 27.99
N GLU A 14 -28.75 -0.12 28.19
CA GLU A 14 -28.76 0.48 29.53
C GLU A 14 -30.05 1.28 29.72
N GLY A 15 -31.00 1.13 28.79
CA GLY A 15 -32.25 1.88 28.83
C GLY A 15 -32.28 3.04 27.87
N ASN A 16 -31.17 3.78 27.79
CA ASN A 16 -31.10 5.06 27.06
C ASN A 16 -31.58 5.02 25.60
N GLN A 17 -32.06 6.18 25.12
CA GLN A 17 -32.44 6.38 23.72
C GLN A 17 -31.56 7.42 22.98
N TRP A 18 -31.28 7.13 21.71
CA TRP A 18 -30.41 7.96 20.89
C TRP A 18 -31.06 8.23 19.54
N VAL A 19 -30.92 9.46 19.07
CA VAL A 19 -31.43 9.85 17.77
C VAL A 19 -30.24 10.06 16.84
N LEU A 20 -30.31 9.42 15.67
CA LEU A 20 -29.30 9.61 14.60
C LEU A 20 -29.23 11.04 14.07
N GLY A 21 -28.08 11.41 13.52
CA GLY A 21 -27.86 12.71 12.88
C GLY A 21 -27.41 12.50 11.44
N LYS A 22 -26.56 13.40 10.94
CA LYS A 22 -25.97 13.25 9.59
C LYS A 22 -24.99 12.06 9.54
N LYS A 23 -24.96 11.37 8.39
CA LYS A 23 -24.01 10.27 8.17
C LYS A 23 -22.68 10.89 7.82
N ILE A 24 -21.70 10.76 8.71
CA ILE A 24 -20.43 11.49 8.56
C ILE A 24 -19.31 10.59 8.00
N GLY A 25 -19.65 9.76 7.02
CA GLY A 25 -18.71 8.80 6.43
C GLY A 25 -18.80 7.44 7.11
N SER A 26 -17.83 6.57 6.82
CA SER A 26 -17.78 5.22 7.39
C SER A 26 -16.33 4.81 7.66
N PHE A 29 -15.09 -0.20 9.00
CA PHE A 29 -15.87 -1.43 9.15
C PHE A 29 -17.22 -1.18 9.85
N GLY A 30 -17.97 -0.19 9.35
CA GLY A 30 -19.27 0.21 9.93
C GLY A 30 -19.57 1.67 9.61
N LEU A 31 -20.85 2.06 9.68
CA LEU A 31 -21.27 3.42 9.32
C LEU A 31 -21.27 4.37 10.51
N ILE A 32 -20.88 5.62 10.31
CA ILE A 32 -20.72 6.58 11.40
C ILE A 32 -21.73 7.72 11.28
N TYR A 33 -22.56 7.88 12.32
CA TYR A 33 -23.53 8.98 12.38
C TYR A 33 -23.33 9.86 13.62
N LEU A 34 -23.75 11.11 13.52
CA LEU A 34 -23.85 11.98 14.69
C LEU A 34 -25.01 11.53 15.60
N ALA A 35 -24.89 11.76 16.90
CA ALA A 35 -25.90 11.27 17.83
C ALA A 35 -26.33 12.27 18.90
N PHE A 36 -27.62 12.20 19.22
CA PHE A 36 -28.25 13.04 20.23
C PHE A 36 -29.00 12.18 21.24
N PRO A 37 -28.75 12.40 22.55
CA PRO A 37 -29.59 11.76 23.55
C PRO A 37 -30.96 12.45 23.59
N THR A 38 -32.04 11.67 23.62
CA THR A 38 -33.39 12.21 23.73
C THR A 38 -33.61 13.02 25.02
N ASN A 39 -33.09 12.51 26.13
CA ASN A 39 -33.15 13.18 27.45
C ASN A 39 -32.06 14.25 27.61
N LYS A 40 -32.45 15.47 27.99
CA LYS A 40 -31.51 16.59 28.17
C LYS A 40 -30.57 16.74 26.97
N PRO A 41 -31.12 16.73 25.73
CA PRO A 41 -30.34 16.64 24.48
C PRO A 41 -29.28 17.71 24.29
N LYS A 43 -27.46 20.60 21.87
CA LYS A 43 -27.51 21.47 20.70
C LYS A 43 -26.74 20.87 19.53
N ASP A 44 -25.41 21.01 19.55
CA ASP A 44 -24.56 20.34 18.56
C ASP A 44 -24.32 18.90 19.01
N ALA A 45 -24.22 18.01 18.05
CA ALA A 45 -23.98 16.62 18.37
C ALA A 45 -22.66 16.45 19.15
N ARG A 46 -22.75 15.90 20.36
CA ARG A 46 -21.56 15.54 21.15
C ARG A 46 -21.40 14.03 21.21
N HIS A 47 -22.13 13.29 20.38
CA HIS A 47 -22.01 11.84 20.34
C HIS A 47 -22.04 11.36 18.91
N VAL A 48 -21.62 10.11 18.75
CA VAL A 48 -21.47 9.50 17.46
C VAL A 48 -21.95 8.07 17.55
N VAL A 49 -22.47 7.55 16.46
CA VAL A 49 -22.89 6.15 16.43
C VAL A 49 -22.18 5.41 15.32
N LYS A 50 -21.69 4.23 15.67
CA LYS A 50 -21.14 3.31 14.71
C LYS A 50 -22.17 2.19 14.57
N VAL A 51 -22.57 1.91 13.33
CA VAL A 51 -23.56 0.87 13.06
C VAL A 51 -22.96 -0.18 12.13
N GLU A 52 -23.29 -1.44 12.43
CA GLU A 52 -22.76 -2.61 11.74
C GLU A 52 -23.11 -2.58 10.24
N TYR A 53 -22.13 -2.98 9.41
CA TYR A 53 -22.33 -3.00 7.96
C TYR A 53 -23.29 -4.13 7.53
N GLN A 54 -23.18 -5.31 8.15
CA GLN A 54 -24.04 -6.46 7.82
C GLN A 54 -24.06 -7.55 8.91
N GLU A 55 -24.58 -8.73 8.55
CA GLU A 55 -24.63 -9.87 9.48
C GLU A 55 -23.24 -10.47 9.75
N ASN A 56 -22.98 -10.83 11.01
CA ASN A 56 -21.76 -11.53 11.41
C ASN A 56 -20.45 -10.78 11.10
N GLY A 57 -20.46 -9.45 11.24
CA GLY A 57 -19.31 -8.63 10.87
C GLY A 57 -18.17 -8.63 11.89
N PRO A 58 -17.11 -7.84 11.63
CA PRO A 58 -16.00 -7.59 12.59
C PRO A 58 -16.27 -6.59 13.72
N LEU A 59 -17.49 -6.08 13.86
CA LEU A 59 -17.80 -5.09 14.90
C LEU A 59 -17.59 -5.66 16.29
N PHE A 60 -17.95 -6.94 16.45
CA PHE A 60 -17.81 -7.70 17.71
C PHE A 60 -16.48 -7.47 18.42
N SER A 61 -15.38 -7.59 17.68
CA SER A 61 -14.06 -7.39 18.26
C SER A 61 -13.96 -6.00 18.86
N GLU A 62 -14.20 -4.98 18.04
CA GLU A 62 -14.12 -3.61 18.49
C GLU A 62 -15.14 -3.32 19.58
N LEU A 63 -16.34 -3.86 19.41
CA LEU A 63 -17.39 -3.64 20.39
C LEU A 63 -17.01 -4.22 21.74
N LYS A 64 -16.41 -5.39 21.73
CA LYS A 64 -16.02 -6.04 22.97
C LYS A 64 -14.99 -5.21 23.72
N PHE A 65 -14.04 -4.63 22.98
CA PHE A 65 -13.01 -3.84 23.60
C PHE A 65 -13.56 -2.62 24.31
N TYR A 66 -14.46 -1.91 23.65
CA TYR A 66 -15.03 -0.71 24.24
C TYR A 66 -15.82 -1.04 25.48
N GLN A 67 -16.63 -2.10 25.39
CA GLN A 67 -17.46 -2.49 26.51
C GLN A 67 -16.57 -2.90 27.67
N ARG A 68 -15.55 -3.70 27.38
CA ARG A 68 -14.64 -4.15 28.41
C ARG A 68 -13.75 -3.09 29.05
N VAL A 69 -13.16 -2.22 28.24
CA VAL A 69 -12.23 -1.23 28.81
C VAL A 69 -12.55 0.26 28.69
N ALA A 70 -13.44 0.64 27.79
CA ALA A 70 -13.71 2.07 27.60
C ALA A 70 -14.72 2.70 28.54
N LYS A 71 -15.20 1.94 29.52
CA LYS A 71 -16.14 2.53 30.45
C LYS A 71 -15.57 3.69 31.24
N LYS A 72 -16.36 4.74 31.37
CA LYS A 72 -15.98 5.96 32.08
C LYS A 72 -15.57 5.71 33.54
N ASP A 73 -16.26 4.79 34.22
CA ASP A 73 -15.94 4.44 35.62
C ASP A 73 -14.48 4.01 35.78
N CYS A 74 -14.08 3.07 34.92
CA CYS A 74 -12.73 2.50 34.96
C CYS A 74 -11.70 3.57 34.63
N ILE A 75 -12.00 4.38 33.63
CA ILE A 75 -11.08 5.43 33.21
C ILE A 75 -10.89 6.49 34.28
N LYS A 76 -11.98 7.01 34.83
CA LYS A 76 -11.87 8.07 35.86
C LYS A 76 -11.07 7.57 37.06
N LYS A 77 -11.23 6.29 37.39
CA LYS A 77 -10.44 5.66 38.46
C LYS A 77 -8.94 5.60 38.08
N TRP A 78 -8.64 5.15 36.87
CA TRP A 78 -7.24 5.06 36.39
C TRP A 78 -6.55 6.42 36.39
N ILE A 79 -7.28 7.45 35.97
CA ILE A 79 -6.77 8.81 35.90
C ILE A 79 -6.38 9.32 37.30
N GLU A 80 -7.23 9.05 38.28
CA GLU A 80 -6.92 9.38 39.69
C GLU A 80 -5.67 8.60 40.17
N ARG A 81 -5.65 7.29 39.97
CA ARG A 81 -4.50 6.48 40.40
C ARG A 81 -3.16 6.92 39.76
N LYS A 82 -3.18 7.26 38.47
CA LYS A 82 -1.94 7.64 37.76
C LYS A 82 -1.61 9.16 37.77
N GLN A 83 -2.52 9.97 38.27
CA GLN A 83 -2.32 11.42 38.35
C GLN A 83 -2.32 12.12 36.99
N LEU A 84 -2.89 11.46 35.99
CA LEU A 84 -2.96 11.97 34.63
C LEU A 84 -3.96 13.10 34.42
N ASP A 85 -3.62 14.06 33.56
CA ASP A 85 -4.54 15.12 33.21
C ASP A 85 -5.74 14.58 32.43
N TYR A 86 -5.46 13.66 31.52
CA TYR A 86 -6.47 13.01 30.70
C TYR A 86 -5.96 11.73 30.07
N LEU A 87 -6.86 10.90 29.55
CA LEU A 87 -6.48 9.66 28.93
C LEU A 87 -7.14 9.58 27.59
N GLY A 88 -6.36 9.40 26.53
CA GLY A 88 -6.90 9.52 25.18
C GLY A 88 -7.65 8.33 24.65
N ILE A 89 -8.63 7.82 25.41
CA ILE A 89 -9.57 6.82 24.87
C ILE A 89 -10.95 7.49 24.69
N PRO A 90 -11.55 7.34 23.49
CA PRO A 90 -12.91 7.83 23.28
C PRO A 90 -13.85 7.24 24.33
N LEU A 91 -14.64 8.10 25.00
CA LEU A 91 -15.62 7.60 25.94
C LEU A 91 -16.68 6.78 25.23
N PHE A 92 -17.01 5.66 25.87
CA PHE A 92 -18.02 4.76 25.40
C PHE A 92 -19.30 4.97 26.22
N TYR A 93 -20.42 5.16 25.51
CA TYR A 93 -21.71 5.42 26.16
C TYR A 93 -22.63 4.20 26.16
N GLY A 94 -22.48 3.30 25.19
CA GLY A 94 -23.17 2.02 25.23
C GLY A 94 -23.36 1.47 23.86
N SER A 95 -23.94 0.28 23.81
CA SER A 95 -24.26 -0.34 22.54
C SER A 95 -25.63 -1.00 22.63
N GLY A 96 -26.12 -1.49 21.50
CA GLY A 96 -27.38 -2.19 21.49
C GLY A 96 -27.70 -2.85 20.18
N LEU A 97 -29.00 -3.07 19.97
CA LEU A 97 -29.53 -3.68 18.77
C LEU A 97 -30.60 -2.77 18.18
N THR A 98 -30.67 -2.73 16.85
CA THR A 98 -31.68 -1.96 16.14
C THR A 98 -32.17 -2.76 14.93
N GLU A 99 -33.41 -2.54 14.52
CA GLU A 99 -33.92 -3.27 13.37
C GLU A 99 -34.06 -2.38 12.16
N PHE A 100 -33.34 -2.76 11.09
CA PHE A 100 -33.39 -2.05 9.82
C PHE A 100 -33.88 -3.09 8.85
N LYS A 101 -34.89 -2.73 8.06
CA LYS A 101 -35.52 -3.63 7.10
C LYS A 101 -35.94 -4.85 7.90
N GLY A 102 -35.56 -6.04 7.45
CA GLY A 102 -35.95 -7.25 8.15
C GLY A 102 -35.04 -7.83 9.22
N ARG A 103 -33.89 -7.22 9.47
CA ARG A 103 -32.96 -7.79 10.45
C ARG A 103 -32.36 -6.84 11.48
N SER A 104 -31.96 -7.40 12.61
CA SER A 104 -31.34 -6.64 13.69
C SER A 104 -29.90 -6.27 13.35
N TYR A 105 -29.43 -5.17 13.94
CA TYR A 105 -28.04 -4.71 13.74
C TYR A 105 -27.44 -4.19 15.04
N ARG A 106 -26.12 -4.24 15.15
CA ARG A 106 -25.39 -3.77 16.32
C ARG A 106 -24.83 -2.37 16.13
N PHE A 107 -24.99 -1.55 17.15
CA PHE A 107 -24.53 -0.17 17.09
C PHE A 107 -23.78 0.17 18.37
N MET A 108 -22.87 1.12 18.23
CA MET A 108 -22.05 1.60 19.33
C MET A 108 -22.34 3.06 19.49
N VAL A 109 -22.23 3.58 20.71
CA VAL A 109 -22.37 5.01 20.95
C VAL A 109 -21.13 5.48 21.66
N MET A 110 -20.51 6.50 21.10
CA MET A 110 -19.14 6.86 21.46
C MET A 110 -19.08 8.38 21.55
N GLU A 111 -18.13 8.88 22.34
CA GLU A 111 -17.82 10.33 22.42
C GLU A 111 -17.52 10.91 21.05
N ARG A 112 -18.00 12.12 20.77
CA ARG A 112 -17.65 12.79 19.51
C ARG A 112 -16.23 13.33 19.55
N LEU A 113 -15.55 13.20 18.41
CA LEU A 113 -14.16 13.62 18.27
C LEU A 113 -13.99 14.57 17.10
N GLY A 114 -12.86 15.26 17.12
CA GLY A 114 -12.52 16.19 16.08
C GLY A 114 -11.75 15.56 14.94
N ILE A 115 -10.84 16.36 14.40
CA ILE A 115 -10.11 16.00 13.20
C ILE A 115 -8.94 15.04 13.51
N ASP A 116 -8.65 14.17 12.55
CA ASP A 116 -7.50 13.27 12.67
C ASP A 116 -6.19 13.94 12.27
N LEU A 117 -5.08 13.41 12.75
CA LEU A 117 -3.78 14.01 12.51
C LEU A 117 -3.25 13.94 11.08
N GLN A 118 -3.69 12.95 10.31
CA GLN A 118 -3.23 12.86 8.93
C GLN A 118 -3.72 14.07 8.15
N LYS A 119 -4.96 14.46 8.38
CA LYS A 119 -5.54 15.61 7.73
C LYS A 119 -4.85 16.91 8.15
N ILE A 120 -4.49 17.01 9.42
CA ILE A 120 -3.83 18.21 9.91
C ILE A 120 -2.53 18.53 9.18
N SER A 121 -1.57 17.62 9.20
CA SER A 121 -0.32 17.88 8.52
C SER A 121 0.00 16.87 7.44
N ASN A 124 3.48 14.28 3.26
CA ASN A 124 4.36 15.07 4.11
C ASN A 124 4.29 14.63 5.56
N GLY A 125 3.15 14.91 6.18
CA GLY A 125 2.90 14.54 7.56
C GLY A 125 4.02 14.82 8.52
N THR A 126 4.41 16.08 8.63
CA THR A 126 5.49 16.46 9.53
C THR A 126 4.99 17.46 10.56
N PHE A 127 5.26 17.18 11.83
CA PHE A 127 4.89 18.09 12.91
C PHE A 127 6.12 18.59 13.63
N LYS A 128 5.92 19.55 14.54
CA LYS A 128 7.01 20.04 15.40
C LYS A 128 7.50 18.90 16.27
N LYS A 129 8.81 18.83 16.50
CA LYS A 129 9.37 17.76 17.34
C LYS A 129 8.74 17.72 18.75
N SER A 130 8.50 18.87 19.32
CA SER A 130 7.84 18.97 20.62
C SER A 130 6.50 18.25 20.60
N THR A 131 5.82 18.38 19.48
CA THR A 131 4.51 17.78 19.30
C THR A 131 4.64 16.29 19.08
N VAL A 132 5.62 15.89 18.29
CA VAL A 132 5.80 14.47 18.02
C VAL A 132 6.05 13.73 19.31
N LEU A 133 6.86 14.31 20.19
CA LEU A 133 7.21 13.67 21.43
C LEU A 133 6.00 13.62 22.33
N GLN A 134 5.19 14.68 22.36
CA GLN A 134 4.00 14.69 23.21
C GLN A 134 2.97 13.67 22.74
N LEU A 135 2.75 13.60 21.43
CA LEU A 135 1.91 12.55 20.90
C LEU A 135 2.33 11.16 21.39
N GLY A 136 3.62 10.86 21.29
CA GLY A 136 4.17 9.61 21.82
C GLY A 136 3.84 9.38 23.30
N ILE A 137 4.12 10.38 24.12
CA ILE A 137 3.86 10.28 25.54
C ILE A 137 2.38 10.01 25.84
N ARG A 138 1.50 10.67 25.09
CA ARG A 138 0.07 10.45 25.24
C ARG A 138 -0.24 9.03 24.82
N MET A 139 0.21 8.64 23.64
CA MET A 139 -0.01 7.27 23.19
C MET A 139 0.48 6.24 24.19
N LEU A 140 1.58 6.51 24.89
CA LEU A 140 2.10 5.56 25.89
C LEU A 140 1.11 5.33 27.06
N ASP A 141 0.48 6.42 27.53
CA ASP A 141 -0.53 6.32 28.56
C ASP A 141 -1.69 5.46 28.11
N VAL A 142 -2.13 5.68 26.88
CA VAL A 142 -3.23 4.90 26.35
C VAL A 142 -2.83 3.45 26.27
N LEU A 143 -1.62 3.18 25.80
CA LEU A 143 -1.13 1.81 25.63
C LEU A 143 -0.97 1.10 26.99
N GLU A 144 -0.49 1.82 28.00
CA GLU A 144 -0.34 1.21 29.32
C GLU A 144 -1.67 0.72 29.85
N TYR A 145 -2.67 1.59 29.74
CA TYR A 145 -4.01 1.27 30.21
C TYR A 145 -4.64 0.12 29.46
N ILE A 146 -4.65 0.17 28.14
CA ILE A 146 -5.25 -0.92 27.39
C ILE A 146 -4.46 -2.20 27.57
N HIS A 147 -3.15 -2.13 27.63
CA HIS A 147 -2.32 -3.33 27.86
C HIS A 147 -2.61 -3.95 29.25
N GLU A 148 -2.86 -3.11 30.23
CA GLU A 148 -3.21 -3.58 31.57
C GLU A 148 -4.54 -4.35 31.51
N ASN A 149 -5.39 -3.95 30.58
CA ASN A 149 -6.71 -4.55 30.41
C ASN A 149 -6.76 -5.66 29.37
N GLU A 150 -5.60 -6.28 29.15
CA GLU A 150 -5.39 -7.41 28.22
C GLU A 150 -5.66 -7.15 26.75
N TYR A 151 -5.42 -5.94 26.30
CA TYR A 151 -5.64 -5.59 24.91
C TYR A 151 -4.54 -4.76 24.26
N VAL A 152 -4.22 -5.05 23.01
CA VAL A 152 -3.29 -4.23 22.24
C VAL A 152 -3.98 -3.68 21.02
N HIS A 153 -3.62 -2.45 20.63
CA HIS A 153 -4.24 -1.73 19.53
C HIS A 153 -3.91 -2.28 18.17
N GLY A 154 -2.63 -2.39 17.86
CA GLY A 154 -2.18 -2.95 16.59
C GLY A 154 -2.12 -2.10 15.34
N ASP A 155 -2.72 -0.93 15.37
CA ASP A 155 -2.74 -0.02 14.23
C ASP A 155 -2.48 1.47 14.47
N ILE A 156 -1.65 1.81 15.43
CA ILE A 156 -1.42 3.21 15.66
C ILE A 156 -0.87 3.86 14.40
N LYS A 157 -1.42 5.03 14.08
CA LYS A 157 -0.99 5.83 12.96
C LYS A 157 -1.67 7.18 13.06
N ALA A 158 -1.14 8.14 12.30
CA ALA A 158 -1.66 9.51 12.28
C ALA A 158 -3.16 9.54 12.06
N ALA A 159 -3.62 8.77 11.07
CA ALA A 159 -5.05 8.62 10.75
C ALA A 159 -5.95 8.17 11.91
N ASN A 160 -5.43 7.40 12.86
CA ASN A 160 -6.20 6.92 14.03
C ASN A 160 -5.92 7.71 15.31
N LEU A 161 -5.22 8.83 15.21
CA LEU A 161 -5.17 9.77 16.33
C LEU A 161 -6.08 10.95 15.99
N LEU A 162 -7.04 11.23 16.86
CA LEU A 162 -8.01 12.31 16.63
C LEU A 162 -7.96 13.28 17.79
N LEU A 163 -8.14 14.57 17.48
CA LEU A 163 -8.26 15.58 18.55
C LEU A 163 -9.69 15.52 19.05
N GLY A 164 -9.90 15.92 20.29
CA GLY A 164 -11.25 15.98 20.82
C GLY A 164 -12.05 17.07 20.14
N TYR A 165 -13.37 16.93 20.18
CA TYR A 165 -14.28 17.91 19.60
C TYR A 165 -14.35 19.15 20.48
N LYS A 166 -14.69 18.94 21.75
CA LYS A 166 -14.79 20.04 22.72
C LYS A 166 -13.41 20.58 23.07
N ASN A 167 -12.46 19.69 23.31
CA ASN A 167 -11.08 20.10 23.54
C ASN A 167 -10.17 19.48 22.46
N PRO A 168 -9.65 20.34 21.55
CA PRO A 168 -8.71 19.91 20.52
C PRO A 168 -7.28 19.91 21.03
N ASP A 169 -7.08 20.40 22.25
CA ASP A 169 -5.79 20.30 22.91
C ASP A 169 -5.45 18.84 23.27
N GLN A 170 -6.48 18.06 23.58
CA GLN A 170 -6.32 16.66 23.91
C GLN A 170 -6.45 15.78 22.65
N VAL A 171 -5.77 14.63 22.68
CA VAL A 171 -5.69 13.72 21.53
C VAL A 171 -6.12 12.31 21.93
N TYR A 172 -6.72 11.59 20.99
CA TYR A 172 -7.35 10.30 21.29
C TYR A 172 -6.89 9.25 20.29
N LEU A 173 -6.58 8.07 20.78
CA LEU A 173 -6.27 6.94 19.91
C LEU A 173 -7.61 6.37 19.55
N ALA A 174 -7.81 6.12 18.25
CA ALA A 174 -9.09 5.64 17.76
C ALA A 174 -8.94 4.37 16.96
N ASP A 175 -10.07 3.84 16.51
CA ASP A 175 -10.16 2.68 15.64
C ASP A 175 -9.64 1.33 16.05
N TYR A 176 -10.23 0.80 17.12
CA TYR A 176 -9.86 -0.50 17.65
C TYR A 176 -10.33 -1.75 16.94
N GLY A 177 -10.62 -1.65 15.66
CA GLY A 177 -11.04 -2.81 14.88
C GLY A 177 -10.03 -3.94 14.86
N LEU A 178 -8.76 -3.60 14.71
CA LEU A 178 -7.71 -4.60 14.59
C LEU A 178 -7.08 -4.93 15.94
N SER A 179 -7.76 -4.52 17.02
CA SER A 179 -7.30 -4.74 18.40
C SER A 179 -7.41 -6.21 18.77
N TYR A 180 -6.54 -6.70 19.68
CA TYR A 180 -6.41 -8.11 19.99
C TYR A 180 -6.21 -8.32 21.48
N ARG A 181 -6.85 -9.37 22.00
CA ARG A 181 -6.68 -9.72 23.39
C ARG A 181 -5.45 -10.62 23.50
N TYR A 182 -4.35 -10.03 23.97
CA TYR A 182 -3.06 -10.73 24.01
C TYR A 182 -2.90 -11.51 25.32
N CYS A 183 -3.67 -11.14 26.35
CA CYS A 183 -3.51 -11.67 27.71
C CYS A 183 -4.85 -12.10 28.33
N PRO A 184 -5.64 -12.93 27.62
CA PRO A 184 -6.97 -13.27 28.16
C PRO A 184 -6.84 -13.92 29.53
N ASN A 185 -7.48 -13.32 30.54
CA ASN A 185 -7.54 -13.89 31.88
C ASN A 185 -6.16 -14.08 32.52
N GLY A 186 -5.22 -13.20 32.17
CA GLY A 186 -3.86 -13.26 32.72
C GLY A 186 -2.95 -14.26 32.03
N ASN A 187 -3.43 -14.95 31.02
CA ASN A 187 -2.64 -15.94 30.30
C ASN A 187 -2.11 -15.38 29.01
N HIS A 188 -0.82 -15.03 29.01
CA HIS A 188 -0.17 -14.40 27.86
C HIS A 188 -0.05 -15.40 26.71
N LYS A 189 -0.36 -14.98 25.49
CA LYS A 189 -0.28 -15.91 24.35
C LYS A 189 1.15 -16.42 24.14
N GLN A 190 1.26 -17.62 23.60
CA GLN A 190 2.55 -18.19 23.22
C GLN A 190 2.96 -17.61 21.89
N TYR A 191 4.26 -17.72 21.61
CA TYR A 191 4.85 -17.20 20.40
C TYR A 191 4.78 -18.29 19.36
N GLN A 192 4.10 -18.01 18.25
CA GLN A 192 4.14 -18.87 17.06
C GLN A 192 4.15 -18.02 15.79
N GLU A 193 5.15 -18.23 14.93
CA GLU A 193 5.19 -17.58 13.61
C GLU A 193 4.22 -18.25 12.63
N ASN A 194 3.41 -17.45 11.96
CA ASN A 194 2.43 -17.96 11.01
C ASN A 194 2.55 -17.16 9.71
N PRO A 195 3.16 -17.74 8.67
CA PRO A 195 3.26 -17.05 7.38
C PRO A 195 1.92 -16.75 6.68
N ARG A 196 0.90 -17.58 6.92
CA ARG A 196 -0.43 -17.39 6.31
C ARG A 196 -1.16 -16.17 6.90
N LYS A 197 -1.09 -15.99 8.21
CA LYS A 197 -1.71 -14.82 8.87
C LYS A 197 -0.67 -13.71 9.00
N GLY A 198 0.04 -13.44 7.91
CA GLY A 198 1.21 -12.55 7.92
C GLY A 198 1.01 -11.22 7.22
N HIS A 199 1.80 -10.23 7.62
CA HIS A 199 1.77 -8.90 7.05
C HIS A 199 0.46 -8.12 7.24
N ASN A 200 -0.21 -8.34 8.35
CA ASN A 200 -1.45 -7.63 8.65
C ASN A 200 -1.21 -6.22 9.16
N GLY A 201 -2.22 -5.37 9.05
CA GLY A 201 -2.13 -4.00 9.50
C GLY A 201 -1.65 -3.05 8.43
N THR A 202 -1.40 -1.80 8.79
CA THR A 202 -0.91 -0.82 7.85
C THR A 202 0.54 -1.21 7.65
N ILE A 203 0.93 -1.40 6.40
CA ILE A 203 2.28 -1.88 6.05
C ILE A 203 3.41 -0.90 6.43
N GLU A 204 3.17 0.39 6.28
CA GLU A 204 4.15 1.40 6.65
C GLU A 204 4.56 1.28 8.10
N PHE A 205 3.60 1.04 8.98
CA PHE A 205 3.92 1.00 10.39
C PHE A 205 3.73 -0.30 11.14
N THR A 206 3.30 -1.37 10.49
CA THR A 206 3.08 -2.61 11.22
C THR A 206 4.35 -3.16 11.84
N SER A 207 4.20 -3.79 13.00
CA SER A 207 5.30 -4.37 13.74
C SER A 207 5.94 -5.57 13.06
N LEU A 208 7.16 -5.89 13.49
CA LEU A 208 7.87 -7.01 12.92
C LEU A 208 7.14 -8.30 13.25
N ASP A 209 6.67 -8.43 14.49
CA ASP A 209 5.85 -9.58 14.88
C ASP A 209 4.71 -9.76 13.86
N ALA A 210 4.01 -8.67 13.53
CA ALA A 210 2.95 -8.74 12.50
C ALA A 210 3.43 -9.24 11.16
N HIS A 211 4.60 -8.81 10.72
CA HIS A 211 5.15 -9.33 9.45
C HIS A 211 5.33 -10.86 9.44
N LYS A 212 5.64 -11.44 10.61
CA LYS A 212 5.88 -12.89 10.74
C LYS A 212 4.59 -13.67 11.10
N GLY A 213 3.50 -12.95 11.31
CA GLY A 213 2.23 -13.57 11.66
C GLY A 213 2.12 -13.95 13.12
N VAL A 214 3.04 -13.46 13.93
CA VAL A 214 3.03 -13.69 15.36
C VAL A 214 1.86 -12.87 15.91
N ALA A 215 1.19 -13.39 16.93
CA ALA A 215 0.06 -12.68 17.53
C ALA A 215 0.56 -11.43 18.24
N LEU A 216 -0.18 -10.34 18.15
CA LEU A 216 0.32 -9.08 18.69
C LEU A 216 0.46 -9.16 20.22
N SER A 217 1.58 -8.66 20.72
CA SER A 217 1.83 -8.57 22.15
C SER A 217 2.18 -7.13 22.42
N ARG A 218 2.42 -6.80 23.68
CA ARG A 218 2.54 -5.41 24.05
C ARG A 218 3.65 -4.66 23.32
N ARG A 219 4.78 -5.34 23.16
CA ARG A 219 5.95 -4.72 22.52
C ARG A 219 5.64 -4.25 21.10
N SER A 220 4.78 -4.97 20.39
CA SER A 220 4.46 -4.64 19.01
C SER A 220 3.84 -3.27 18.96
N ASP A 221 3.00 -2.96 19.92
CA ASP A 221 2.38 -1.64 19.97
C ASP A 221 3.44 -0.57 20.15
N VAL A 222 4.41 -0.85 21.01
CA VAL A 222 5.48 0.08 21.27
C VAL A 222 6.32 0.28 20.00
N GLU A 223 6.57 -0.80 19.27
CA GLU A 223 7.34 -0.70 18.04
C GLU A 223 6.66 0.14 16.97
N ILE A 224 5.35 -0.02 16.81
CA ILE A 224 4.62 0.75 15.81
C ILE A 224 4.65 2.24 16.15
N LEU A 225 4.55 2.56 17.43
CA LEU A 225 4.59 3.94 17.88
C LEU A 225 5.92 4.58 17.55
N GLY A 226 7.01 3.82 17.69
CA GLY A 226 8.33 4.31 17.35
C GLY A 226 8.42 4.62 15.87
N TYR A 227 7.85 3.76 15.04
CA TYR A 227 7.83 3.97 13.60
C TYR A 227 7.04 5.22 13.27
N CYS A 228 5.92 5.38 13.96
CA CYS A 228 5.08 6.51 13.77
C CYS A 228 5.84 7.77 14.08
N MET A 229 6.35 7.87 15.30
CA MET A 229 7.09 9.04 15.72
C MET A 229 8.22 9.40 14.73
N LEU A 230 8.94 8.41 14.22
CA LEU A 230 9.98 8.63 13.20
C LEU A 230 9.43 9.26 11.93
N ARG A 231 8.28 8.77 11.50
CA ARG A 231 7.63 9.26 10.29
C ARG A 231 7.07 10.65 10.49
N TRP A 232 6.54 10.91 11.67
CA TRP A 232 6.00 12.23 11.98
C TRP A 232 7.10 13.26 12.01
N LEU A 233 8.23 12.89 12.60
CA LEU A 233 9.40 13.76 12.64
C LEU A 233 10.15 13.99 11.31
N CYS A 234 10.33 12.93 10.55
CA CYS A 234 11.10 13.00 9.29
C CYS A 234 10.33 13.21 8.00
N GLY A 235 9.07 12.86 8.00
CA GLY A 235 8.22 12.98 6.84
C GLY A 235 8.33 11.82 5.88
N LYS A 236 9.15 10.84 6.22
CA LYS A 236 9.35 9.69 5.35
C LYS A 236 9.90 8.52 6.12
N LEU A 237 9.81 7.33 5.54
CA LEU A 237 10.35 6.12 6.12
C LEU A 237 11.17 5.41 5.05
N PRO A 238 12.25 4.73 5.45
CA PRO A 238 13.12 4.08 4.49
C PRO A 238 12.41 3.15 3.55
N TRP A 239 11.42 2.42 4.06
CA TRP A 239 10.76 1.37 3.28
C TRP A 239 9.66 1.89 2.32
N GLU A 240 9.36 3.20 2.38
CA GLU A 240 8.26 3.77 1.58
C GLU A 240 8.38 3.55 0.07
N GLN A 241 9.60 3.57 -0.46
CA GLN A 241 9.85 3.26 -1.88
C GLN A 241 9.31 1.88 -2.36
N ASN A 242 9.26 0.88 -1.48
CA ASN A 242 8.93 -0.51 -1.90
C ASN A 242 7.80 -1.14 -1.06
N LEU A 243 6.71 -0.42 -0.87
CA LEU A 243 5.57 -0.97 -0.11
C LEU A 243 4.86 -2.12 -0.82
N LYS A 244 4.94 -2.18 -2.15
CA LYS A 244 4.38 -3.30 -2.93
C LYS A 244 4.88 -4.67 -2.45
N ASP A 245 6.14 -4.76 -2.01
CA ASP A 245 6.68 -6.01 -1.45
C ASP A 245 6.74 -5.96 0.08
N PRO A 246 5.81 -6.64 0.75
CA PRO A 246 5.79 -6.62 2.23
C PRO A 246 7.06 -7.19 2.87
N VAL A 247 7.65 -8.18 2.20
CA VAL A 247 8.85 -8.86 2.70
C VAL A 247 10.00 -7.85 2.73
N ALA A 248 10.13 -7.10 1.64
CA ALA A 248 11.11 -6.03 1.58
C ALA A 248 10.97 -5.08 2.78
N VAL A 249 9.71 -4.79 3.13
CA VAL A 249 9.39 -3.88 4.23
C VAL A 249 9.88 -4.44 5.55
N GLN A 250 9.67 -5.73 5.74
CA GLN A 250 10.14 -6.42 6.96
C GLN A 250 11.65 -6.36 7.07
N THR A 251 12.31 -6.55 5.92
CA THR A 251 13.76 -6.53 5.85
C THR A 251 14.28 -5.17 6.30
N ALA A 252 13.68 -4.12 5.75
CA ALA A 252 14.09 -2.75 6.02
C ALA A 252 13.86 -2.37 7.49
N LYS A 253 12.80 -2.90 8.06
CA LYS A 253 12.50 -2.66 9.45
C LYS A 253 13.53 -3.35 10.34
N THR A 254 13.87 -4.58 9.95
CA THR A 254 14.87 -5.36 10.66
C THR A 254 16.20 -4.64 10.60
N ASN A 255 16.64 -4.30 9.39
CA ASN A 255 17.88 -3.59 9.18
C ASN A 255 17.93 -2.38 10.08
N LEU A 256 16.88 -1.58 10.05
CA LEU A 256 16.85 -0.31 10.77
C LEU A 256 17.14 -0.53 12.24
N LEU A 257 16.43 -1.51 12.82
CA LEU A 257 16.53 -1.81 14.25
C LEU A 257 17.85 -2.50 14.58
N ASP A 258 18.35 -3.33 13.66
CA ASP A 258 19.65 -4.02 13.83
C ASP A 258 20.79 -3.02 13.93
N GLU A 259 20.72 -1.93 13.16
CA GLU A 259 21.76 -0.92 13.15
C GLU A 259 21.41 0.34 13.97
N LEU A 260 20.60 0.23 15.02
CA LEU A 260 20.32 1.38 15.91
C LEU A 260 21.57 1.77 16.67
N PRO A 261 21.73 3.03 17.10
CA PRO A 261 20.86 4.17 16.80
C PRO A 261 21.22 5.00 15.55
N GLN A 262 22.34 4.70 14.92
CA GLN A 262 22.79 5.46 13.78
C GLN A 262 21.81 5.43 12.63
N SER A 263 21.13 4.30 12.45
CA SER A 263 20.20 4.17 11.35
C SER A 263 19.10 5.22 11.47
N VAL A 264 18.58 5.38 12.68
CA VAL A 264 17.58 6.40 12.94
C VAL A 264 18.15 7.81 12.84
N LEU A 265 19.35 7.99 13.38
CA LEU A 265 20.05 9.28 13.38
C LEU A 265 20.38 9.76 11.98
N LYS A 266 20.81 8.84 11.13
CA LYS A 266 21.15 9.15 9.76
C LYS A 266 19.92 9.61 8.97
N TRP A 267 18.77 9.02 9.26
CA TRP A 267 17.52 9.33 8.58
C TRP A 267 17.04 10.77 8.74
N ALA A 268 17.19 11.31 9.94
CA ALA A 268 16.77 12.66 10.23
C ALA A 268 17.31 13.67 9.26
N PRO A 269 16.45 14.57 8.82
CA PRO A 269 16.81 15.67 7.92
C PRO A 269 17.65 16.67 8.68
N SER A 270 18.54 17.34 7.97
CA SER A 270 19.42 18.30 8.61
C SER A 270 18.67 19.36 9.40
N GLY A 271 19.17 19.64 10.59
CA GLY A 271 18.56 20.66 11.45
C GLY A 271 17.64 20.08 12.48
N SER A 272 17.30 18.82 12.30
CA SER A 272 16.43 18.11 13.24
C SER A 272 17.17 16.94 13.85
N SER A 273 16.73 16.50 15.02
CA SER A 273 17.35 15.33 15.65
C SER A 273 16.32 14.25 16.00
N CYS A 274 16.73 13.01 15.82
CA CYS A 274 15.91 11.86 16.14
C CYS A 274 16.55 11.09 17.26
N CYS A 275 17.25 11.82 18.10
CA CYS A 275 17.95 11.24 19.23
C CYS A 275 16.97 10.49 20.16
N GLU A 276 15.88 11.16 20.54
CA GLU A 276 14.97 10.57 21.52
C GLU A 276 14.23 9.42 20.88
N ILE A 277 13.92 9.55 19.60
CA ILE A 277 13.21 8.52 18.88
C ILE A 277 14.10 7.29 18.74
N ALA A 278 15.40 7.49 18.51
CA ALA A 278 16.35 6.37 18.33
C ALA A 278 16.51 5.61 19.63
N GLN A 279 16.65 6.34 20.73
CA GLN A 279 16.70 5.68 22.04
C GLN A 279 15.43 4.87 22.30
N PHE A 280 14.28 5.44 21.94
CA PHE A 280 13.00 4.83 22.19
C PHE A 280 12.88 3.49 21.47
N LEU A 281 13.21 3.49 20.18
CA LEU A 281 13.26 2.25 19.41
C LEU A 281 14.30 1.26 19.98
N VAL A 282 15.38 1.78 20.55
CA VAL A 282 16.35 0.93 21.22
C VAL A 282 15.67 0.23 22.41
N CYS A 283 15.06 1.03 23.28
CA CYS A 283 14.39 0.49 24.45
C CYS A 283 13.28 -0.46 24.03
N ALA A 284 12.56 -0.11 22.98
CA ALA A 284 11.42 -0.90 22.49
C ALA A 284 11.84 -2.24 21.88
N HIS A 285 12.88 -2.21 21.03
CA HIS A 285 13.41 -3.43 20.39
C HIS A 285 14.14 -4.35 21.36
N SER A 286 14.39 -3.89 22.58
CA SER A 286 15.02 -4.76 23.55
C SER A 286 14.04 -5.80 24.10
N LEU A 287 12.73 -5.57 23.94
CA LEU A 287 11.72 -6.29 24.72
C LEU A 287 11.48 -7.70 24.22
N ALA A 288 11.17 -8.57 25.19
CA ALA A 288 10.79 -9.94 24.90
C ALA A 288 9.31 -9.94 24.56
N TYR A 289 8.88 -11.02 23.91
CA TYR A 289 7.51 -11.15 23.42
C TYR A 289 6.47 -11.02 24.53
N ASP A 290 6.79 -11.56 25.70
CA ASP A 290 5.87 -11.48 26.82
C ASP A 290 6.21 -10.40 27.81
N GLU A 291 7.14 -9.52 27.49
CA GLU A 291 7.63 -8.59 28.51
C GLU A 291 6.77 -7.35 28.60
N LYS A 292 6.58 -6.87 29.82
CA LYS A 292 5.87 -5.64 30.05
C LYS A 292 6.81 -4.45 29.78
N PRO A 293 6.45 -3.58 28.80
CA PRO A 293 7.23 -2.36 28.51
C PRO A 293 7.42 -1.48 29.74
N ASN A 294 8.56 -0.79 29.83
CA ASN A 294 8.73 0.13 30.94
C ASN A 294 8.20 1.48 30.49
N TYR A 295 6.93 1.69 30.74
CA TYR A 295 6.24 2.84 30.25
C TYR A 295 6.87 4.14 30.81
N GLN A 296 7.28 4.14 32.08
CA GLN A 296 7.83 5.37 32.70
C GLN A 296 9.23 5.70 32.15
N ALA A 297 9.98 4.67 31.78
CA ALA A 297 11.28 4.88 31.15
C ALA A 297 11.10 5.38 29.72
N LEU A 298 10.15 4.81 29.00
CA LEU A 298 9.83 5.24 27.65
C LEU A 298 9.36 6.69 27.63
N LYS A 299 8.61 7.09 28.65
CA LYS A 299 8.14 8.45 28.72
C LYS A 299 9.26 9.42 29.09
N LYS A 300 10.18 8.97 29.96
CA LYS A 300 11.40 9.75 30.29
C LYS A 300 12.27 9.95 29.05
N ILE A 301 12.35 8.93 28.21
CA ILE A 301 13.04 9.04 26.93
C ILE A 301 12.45 10.16 26.06
N LEU A 302 11.14 10.20 25.87
CA LEU A 302 10.55 11.22 24.99
C LEU A 302 10.47 12.63 25.61
N ASN A 303 10.60 12.73 26.94
CA ASN A 303 10.63 14.04 27.61
C ASN A 303 11.71 14.03 28.70
N PRO A 304 13.00 14.00 28.28
CA PRO A 304 14.13 13.80 29.21
C PRO A 304 14.33 14.92 30.25
N HIS A 305 14.14 16.17 29.88
CA HIS A 305 14.36 17.26 30.80
C HIS A 305 13.44 17.20 32.00
N GLY A 306 12.20 16.80 31.79
CA GLY A 306 11.23 16.71 32.89
C GLY A 306 10.39 17.98 33.04
N ILE A 307 10.43 18.84 32.04
CA ILE A 307 9.55 20.00 32.00
C ILE A 307 8.19 19.47 31.64
N PRO A 308 7.14 19.96 32.32
CA PRO A 308 5.82 19.45 32.02
C PRO A 308 5.36 19.80 30.60
N LEU A 309 4.45 18.98 30.07
CA LEU A 309 3.95 19.15 28.72
C LEU A 309 3.04 20.35 28.51
N GLY A 310 3.30 21.04 27.41
CA GLY A 310 2.52 22.19 26.98
C GLY A 310 1.43 21.76 26.01
N PRO A 311 0.66 22.73 25.54
CA PRO A 311 -0.41 22.44 24.58
C PRO A 311 0.16 21.94 23.26
N LEU A 312 -0.52 21.00 22.62
CA LEU A 312 -0.05 20.47 21.36
C LEU A 312 -0.02 21.58 20.34
N ASP A 313 1.09 21.69 19.60
CA ASP A 313 1.23 22.73 18.61
C ASP A 313 1.25 22.19 17.19
N PHE A 314 0.32 22.66 16.38
CA PHE A 314 0.21 22.25 14.99
C PHE A 314 0.42 23.41 14.02
N SER A 315 1.05 24.47 14.49
CA SER A 315 1.32 25.66 13.68
C SER A 315 1.79 25.35 12.26
N PRO B 5 -11.22 -3.91 4.00
CA PRO B 5 -12.66 -3.86 4.21
C PRO B 5 -13.42 -4.66 3.16
N GLU B 6 -13.50 -5.96 3.39
CA GLU B 6 -14.11 -6.90 2.44
C GLU B 6 -15.59 -6.58 2.27
N GLY B 7 -16.16 -7.04 1.15
CA GLY B 7 -17.61 -6.93 0.92
C GLY B 7 -18.16 -5.56 0.52
N LYS B 8 -17.36 -4.50 0.68
CA LYS B 8 -17.79 -3.13 0.33
C LYS B 8 -18.36 -3.08 -1.08
N VAL B 9 -19.31 -2.16 -1.30
CA VAL B 9 -19.93 -2.00 -2.60
C VAL B 9 -19.52 -0.66 -3.20
N LEU B 10 -19.17 -0.72 -4.50
CA LEU B 10 -18.52 0.38 -5.18
C LEU B 10 -19.31 0.72 -6.43
N ASP B 11 -19.48 2.00 -6.70
CA ASP B 11 -20.20 2.45 -7.87
C ASP B 11 -19.24 3.19 -8.79
N ASP B 12 -19.09 2.69 -10.01
CA ASP B 12 -18.23 3.31 -10.99
C ASP B 12 -19.01 4.41 -11.70
N MET B 13 -18.31 5.22 -12.47
CA MET B 13 -18.90 6.33 -13.23
C MET B 13 -19.51 5.89 -14.57
N GLU B 14 -19.52 4.58 -14.82
CA GLU B 14 -20.10 4.02 -16.04
C GLU B 14 -21.50 3.49 -15.71
N GLY B 15 -21.90 3.63 -14.44
CA GLY B 15 -23.21 3.20 -13.95
C GLY B 15 -23.30 1.79 -13.39
N ASN B 16 -22.17 1.14 -13.11
CA ASN B 16 -22.16 -0.23 -12.61
C ASN B 16 -21.77 -0.29 -11.12
N GLN B 17 -22.17 -1.39 -10.48
CA GLN B 17 -21.83 -1.64 -9.08
C GLN B 17 -20.93 -2.88 -8.97
N TRP B 18 -19.98 -2.84 -8.02
CA TRP B 18 -19.01 -3.93 -7.83
C TRP B 18 -18.95 -4.31 -6.36
N VAL B 19 -18.77 -5.59 -6.07
CA VAL B 19 -18.57 -6.05 -4.71
C VAL B 19 -17.12 -6.48 -4.56
N LEU B 20 -16.44 -5.92 -3.56
CA LEU B 20 -15.07 -6.33 -3.24
C LEU B 20 -14.95 -7.77 -2.71
N GLY B 21 -13.78 -8.35 -2.96
CA GLY B 21 -13.40 -9.66 -2.47
C GLY B 21 -12.14 -9.59 -1.61
N LYS B 22 -11.42 -10.71 -1.53
CA LYS B 22 -10.20 -10.80 -0.71
C LYS B 22 -9.09 -9.95 -1.31
N LYS B 23 -8.34 -9.23 -0.46
CA LYS B 23 -7.15 -8.48 -0.89
C LYS B 23 -6.09 -9.45 -1.39
N ILE B 24 -5.55 -9.22 -2.59
CA ILE B 24 -4.55 -10.12 -3.15
C ILE B 24 -3.16 -9.49 -3.31
N GLY B 25 -2.97 -8.25 -2.85
CA GLY B 25 -1.68 -7.56 -2.97
C GLY B 25 -1.79 -6.05 -3.05
N SER B 26 -0.72 -5.40 -3.51
CA SER B 26 -0.71 -3.93 -3.68
C SER B 26 0.20 -3.47 -4.82
N PHE B 29 0.82 1.43 -6.64
CA PHE B 29 0.25 2.72 -6.23
C PHE B 29 -0.94 2.59 -5.24
N GLY B 30 -1.48 1.38 -5.06
CA GLY B 30 -2.53 1.16 -4.07
C GLY B 30 -2.84 -0.31 -3.77
N LEU B 31 -3.77 -0.56 -2.85
CA LEU B 31 -4.19 -1.92 -2.49
C LEU B 31 -4.99 -2.58 -3.62
N ILE B 32 -4.80 -3.88 -3.81
CA ILE B 32 -5.49 -4.63 -4.87
C ILE B 32 -6.51 -5.62 -4.29
N TYR B 33 -7.76 -5.52 -4.72
CA TYR B 33 -8.81 -6.42 -4.26
C TYR B 33 -9.41 -7.22 -5.40
N LEU B 34 -9.99 -8.38 -5.07
CA LEU B 34 -10.76 -9.15 -6.05
C LEU B 34 -12.13 -8.49 -6.17
N ALA B 35 -12.84 -8.75 -7.27
CA ALA B 35 -14.08 -8.02 -7.57
C ALA B 35 -15.14 -8.73 -8.41
N PHE B 36 -16.39 -8.54 -7.99
CA PHE B 36 -17.54 -9.16 -8.63
C PHE B 36 -18.56 -8.09 -8.99
N PRO B 37 -19.09 -8.16 -10.22
CA PRO B 37 -20.15 -7.25 -10.61
C PRO B 37 -21.45 -7.61 -9.89
N THR B 38 -22.10 -6.62 -9.26
CA THR B 38 -23.41 -6.79 -8.58
C THR B 38 -24.46 -7.42 -9.49
N ASN B 39 -24.52 -6.94 -10.73
CA ASN B 39 -25.43 -7.47 -11.75
C ASN B 39 -24.70 -8.31 -12.82
N LYS B 40 -25.17 -9.54 -13.03
CA LYS B 40 -24.56 -10.47 -13.99
C LYS B 40 -23.24 -11.05 -13.45
N LYS B 43 -18.90 -16.87 -11.40
CA LYS B 43 -18.45 -17.82 -10.40
C LYS B 43 -17.39 -17.16 -9.52
N ASP B 44 -16.12 -17.27 -9.93
CA ASP B 44 -15.00 -16.61 -9.24
C ASP B 44 -14.58 -15.36 -10.03
N ALA B 45 -13.95 -14.42 -9.33
CA ALA B 45 -13.66 -13.11 -9.88
C ALA B 45 -12.92 -13.19 -11.22
N ARG B 46 -13.39 -12.38 -12.18
CA ARG B 46 -12.69 -12.13 -13.43
C ARG B 46 -12.24 -10.64 -13.48
N HIS B 47 -12.35 -9.96 -12.34
CA HIS B 47 -12.10 -8.53 -12.27
C HIS B 47 -11.37 -8.26 -10.99
N VAL B 48 -10.62 -7.17 -10.97
CA VAL B 48 -9.88 -6.80 -9.79
C VAL B 48 -9.96 -5.29 -9.63
N VAL B 49 -9.91 -4.84 -8.40
CA VAL B 49 -9.99 -3.44 -8.14
C VAL B 49 -8.76 -2.86 -7.49
N LYS B 50 -8.22 -1.86 -8.15
CA LYS B 50 -7.12 -1.07 -7.60
C LYS B 50 -7.71 0.12 -6.86
N VAL B 51 -7.26 0.38 -5.64
CA VAL B 51 -7.71 1.53 -4.83
C VAL B 51 -6.51 2.33 -4.29
N GLU B 52 -6.51 3.64 -4.50
CA GLU B 52 -5.50 4.53 -3.93
C GLU B 52 -5.10 4.10 -2.52
N ASN B 56 -4.94 10.76 -2.09
CA ASN B 56 -4.79 11.37 -3.41
C ASN B 56 -3.62 10.72 -4.18
N GLY B 57 -2.81 11.51 -4.88
CA GLY B 57 -1.54 10.99 -5.45
C GLY B 57 -1.56 10.50 -6.89
N PRO B 58 -0.56 9.69 -7.21
CA PRO B 58 -0.22 9.19 -8.55
C PRO B 58 -1.26 8.38 -9.28
N LEU B 59 -2.26 7.89 -8.57
CA LEU B 59 -3.28 7.05 -9.18
C LEU B 59 -4.01 7.80 -10.28
N PHE B 60 -4.18 9.10 -10.10
CA PHE B 60 -4.93 9.87 -11.08
C PHE B 60 -4.35 9.79 -12.48
N SER B 61 -3.03 9.91 -12.61
CA SER B 61 -2.42 9.82 -13.93
C SER B 61 -2.62 8.46 -14.56
N GLU B 62 -2.49 7.41 -13.75
CA GLU B 62 -2.67 6.04 -14.25
C GLU B 62 -4.09 5.86 -14.70
N LEU B 63 -5.00 6.42 -13.94
CA LEU B 63 -6.42 6.36 -14.23
C LEU B 63 -6.74 6.95 -15.59
N LYS B 64 -6.17 8.12 -15.88
CA LYS B 64 -6.38 8.74 -17.18
C LYS B 64 -5.76 7.91 -18.30
N PHE B 65 -4.71 7.16 -17.98
CA PHE B 65 -4.13 6.27 -18.97
C PHE B 65 -5.13 5.23 -19.39
N TYR B 66 -5.65 4.49 -18.41
CA TYR B 66 -6.54 3.36 -18.72
C TYR B 66 -7.84 3.83 -19.36
N GLN B 67 -8.39 4.92 -18.84
CA GLN B 67 -9.57 5.51 -19.43
C GLN B 67 -9.37 5.81 -20.92
N ARG B 68 -8.26 6.51 -21.23
CA ARG B 68 -7.96 6.93 -22.60
C ARG B 68 -7.68 5.78 -23.55
N VAL B 69 -6.82 4.84 -23.14
CA VAL B 69 -6.35 3.77 -24.06
C VAL B 69 -6.86 2.35 -23.76
N ALA B 70 -7.23 2.06 -22.52
CA ALA B 70 -7.54 0.70 -22.11
C ALA B 70 -9.03 0.38 -22.14
N LYS B 71 -9.83 1.28 -22.68
CA LYS B 71 -11.27 1.05 -22.79
C LYS B 71 -11.49 -0.15 -23.74
N LYS B 72 -12.49 -0.98 -23.45
CA LYS B 72 -12.68 -2.19 -24.23
C LYS B 72 -12.90 -1.94 -25.71
N ASP B 73 -13.70 -0.95 -26.05
CA ASP B 73 -13.93 -0.67 -27.45
C ASP B 73 -12.66 -0.20 -28.15
N CYS B 74 -11.85 0.61 -27.46
CA CYS B 74 -10.62 1.12 -28.05
C CYS B 74 -9.68 -0.01 -28.39
N ILE B 75 -9.55 -0.95 -27.48
CA ILE B 75 -8.69 -2.10 -27.69
C ILE B 75 -9.21 -2.97 -28.83
N LYS B 76 -10.52 -3.16 -28.87
CA LYS B 76 -11.13 -3.97 -29.89
C LYS B 76 -10.89 -3.37 -31.27
N LYS B 77 -11.00 -2.06 -31.36
CA LYS B 77 -10.77 -1.38 -32.63
C LYS B 77 -9.33 -1.54 -33.11
N TRP B 78 -8.38 -1.44 -32.18
CA TRP B 78 -6.96 -1.54 -32.53
C TRP B 78 -6.65 -2.96 -32.96
N ILE B 79 -7.22 -3.93 -32.26
CA ILE B 79 -7.05 -5.33 -32.62
C ILE B 79 -7.67 -5.57 -34.00
N GLU B 80 -8.89 -5.07 -34.22
CA GLU B 80 -9.53 -5.21 -35.52
C GLU B 80 -8.63 -4.68 -36.63
N ARG B 81 -8.08 -3.49 -36.42
CA ARG B 81 -7.30 -2.82 -37.47
C ARG B 81 -5.93 -3.45 -37.67
N LYS B 82 -5.30 -3.89 -36.57
CA LYS B 82 -3.97 -4.51 -36.63
C LYS B 82 -4.02 -6.03 -36.85
N GLN B 83 -5.22 -6.58 -37.06
CA GLN B 83 -5.41 -8.00 -37.31
C GLN B 83 -4.72 -8.83 -36.23
N LEU B 84 -5.04 -8.56 -34.97
CA LEU B 84 -4.36 -9.18 -33.83
C LEU B 84 -5.19 -10.28 -33.18
N ASP B 85 -4.51 -11.24 -32.56
CA ASP B 85 -5.20 -12.24 -31.75
C ASP B 85 -5.51 -11.63 -30.38
N TYR B 86 -4.52 -10.96 -29.77
CA TYR B 86 -4.73 -10.28 -28.48
C TYR B 86 -3.76 -9.11 -28.26
N LEU B 87 -4.06 -8.23 -27.32
CA LEU B 87 -3.16 -7.13 -27.00
C LEU B 87 -2.90 -7.05 -25.50
N GLY B 88 -1.64 -7.00 -25.13
CA GLY B 88 -1.22 -7.22 -23.75
C GLY B 88 -1.31 -6.06 -22.78
N ILE B 89 -2.46 -5.42 -22.74
CA ILE B 89 -2.80 -4.39 -21.74
C ILE B 89 -4.02 -4.86 -21.01
N PRO B 90 -4.05 -4.71 -19.68
CA PRO B 90 -5.23 -5.13 -18.96
C PRO B 90 -6.43 -4.28 -19.40
N LEU B 91 -7.58 -4.93 -19.69
CA LEU B 91 -8.84 -4.22 -20.01
C LEU B 91 -9.25 -3.35 -18.84
N PHE B 92 -9.75 -2.16 -19.12
CA PHE B 92 -10.28 -1.28 -18.08
C PHE B 92 -11.81 -1.34 -18.08
N TYR B 93 -12.40 -1.55 -16.91
CA TYR B 93 -13.87 -1.71 -16.81
C TYR B 93 -14.53 -0.44 -16.31
N GLY B 94 -14.01 0.17 -15.25
CA GLY B 94 -14.54 1.42 -14.74
C GLY B 94 -13.71 2.05 -13.64
N SER B 95 -14.07 3.26 -13.26
CA SER B 95 -13.39 3.99 -12.19
C SER B 95 -14.44 4.72 -11.38
N GLY B 96 -14.10 5.11 -10.16
CA GLY B 96 -15.01 5.90 -9.34
C GLY B 96 -14.42 6.45 -8.05
N LEU B 97 -15.31 6.77 -7.12
CA LEU B 97 -14.97 7.23 -5.79
C LEU B 97 -15.65 6.37 -4.73
N THR B 98 -15.05 6.32 -3.55
CA THR B 98 -15.61 5.62 -2.40
C THR B 98 -15.05 6.23 -1.10
N GLU B 99 -15.71 5.99 0.02
CA GLU B 99 -15.39 6.68 1.29
C GLU B 99 -14.75 5.78 2.36
N PHE B 100 -14.00 6.40 3.28
CA PHE B 100 -13.42 5.74 4.46
C PHE B 100 -13.01 6.75 5.53
N ARG B 103 -10.57 10.05 3.78
CA ARG B 103 -11.96 10.14 3.33
C ARG B 103 -12.16 9.59 1.91
N SER B 104 -12.23 10.44 0.88
CA SER B 104 -12.55 9.99 -0.48
C SER B 104 -11.33 9.36 -1.16
N TYR B 105 -11.56 8.30 -1.93
CA TYR B 105 -10.47 7.54 -2.56
C TYR B 105 -10.87 7.10 -3.97
N ARG B 106 -9.93 7.21 -4.90
CA ARG B 106 -10.15 6.78 -6.29
C ARG B 106 -9.96 5.28 -6.42
N PHE B 107 -10.56 4.69 -7.45
CA PHE B 107 -10.42 3.27 -7.71
C PHE B 107 -10.65 2.95 -9.17
N MET B 108 -10.15 1.81 -9.61
CA MET B 108 -10.42 1.37 -10.97
C MET B 108 -10.64 -0.13 -10.97
N VAL B 109 -11.42 -0.59 -11.93
CA VAL B 109 -11.74 -1.99 -12.06
C VAL B 109 -11.11 -2.46 -13.35
N MET B 110 -10.36 -3.54 -13.28
CA MET B 110 -9.70 -4.06 -14.47
C MET B 110 -9.67 -5.57 -14.50
N GLU B 111 -9.47 -6.10 -15.69
CA GLU B 111 -9.41 -7.54 -15.95
C GLU B 111 -8.52 -8.22 -14.95
N ARG B 112 -8.93 -9.39 -14.48
CA ARG B 112 -8.12 -10.16 -13.53
C ARG B 112 -6.96 -10.82 -14.26
N LEU B 113 -5.80 -10.75 -13.64
CA LEU B 113 -4.59 -11.31 -14.22
C LEU B 113 -3.90 -12.31 -13.30
N GLY B 114 -3.02 -13.12 -13.89
CA GLY B 114 -2.21 -14.08 -13.17
C GLY B 114 -0.98 -13.48 -12.51
N ILE B 115 0.03 -14.33 -12.29
CA ILE B 115 1.28 -13.95 -11.61
C ILE B 115 2.27 -13.24 -12.55
N ASP B 116 3.15 -12.43 -11.95
CA ASP B 116 4.23 -11.76 -12.70
C ASP B 116 5.36 -12.70 -13.06
N LEU B 117 6.12 -12.37 -14.10
CA LEU B 117 7.18 -13.27 -14.60
C LEU B 117 8.39 -13.35 -13.69
N GLN B 118 8.62 -12.33 -12.86
CA GLN B 118 9.74 -12.36 -11.93
C GLN B 118 9.56 -13.54 -10.99
N LYS B 119 8.32 -13.75 -10.55
CA LYS B 119 8.01 -14.90 -9.71
C LYS B 119 8.22 -16.24 -10.42
N ILE B 120 7.93 -16.32 -11.71
CA ILE B 120 8.19 -17.56 -12.47
C ILE B 120 9.70 -17.91 -12.45
N SER B 121 10.51 -17.03 -13.02
CA SER B 121 11.95 -17.19 -12.99
C SER B 121 12.42 -16.08 -12.07
N GLY B 122 13.11 -16.43 -10.99
CA GLY B 122 13.53 -15.45 -10.02
C GLY B 122 15.02 -15.51 -9.75
N GLN B 123 15.58 -14.42 -9.21
CA GLN B 123 17.01 -14.29 -8.91
C GLN B 123 17.69 -14.58 -10.24
N ASN B 124 18.58 -15.56 -10.28
CA ASN B 124 19.23 -15.90 -11.54
C ASN B 124 18.30 -16.83 -12.32
N GLY B 125 17.32 -16.24 -12.99
CA GLY B 125 16.33 -16.97 -13.73
C GLY B 125 16.26 -16.55 -15.18
N THR B 126 16.10 -17.55 -16.03
CA THR B 126 16.04 -17.35 -17.46
C THR B 126 14.74 -17.90 -17.99
N PHE B 127 14.45 -17.62 -19.25
CA PHE B 127 13.34 -18.25 -19.93
C PHE B 127 13.86 -18.89 -21.20
N LYS B 128 13.12 -19.86 -21.71
CA LYS B 128 13.44 -20.41 -23.00
C LYS B 128 13.53 -19.31 -24.05
N LYS B 129 14.37 -19.53 -25.05
CA LYS B 129 14.56 -18.57 -26.11
C LYS B 129 13.25 -18.32 -26.83
N SER B 130 12.45 -19.37 -27.02
CA SER B 130 11.17 -19.20 -27.69
C SER B 130 10.29 -18.26 -26.90
N THR B 131 10.24 -18.44 -25.59
CA THR B 131 9.45 -17.59 -24.73
C THR B 131 9.95 -16.15 -24.73
N VAL B 132 11.26 -15.98 -24.65
CA VAL B 132 11.82 -14.64 -24.63
C VAL B 132 11.52 -13.90 -25.94
N LEU B 133 11.68 -14.58 -27.06
CA LEU B 133 11.33 -13.97 -28.34
C LEU B 133 9.85 -13.59 -28.45
N GLN B 134 8.97 -14.47 -27.99
CA GLN B 134 7.54 -14.19 -28.10
C GLN B 134 7.18 -13.01 -27.22
N LEU B 135 7.74 -12.95 -26.02
CA LEU B 135 7.45 -11.85 -25.09
C LEU B 135 7.76 -10.47 -25.71
N GLY B 136 8.92 -10.38 -26.36
CA GLY B 136 9.34 -9.17 -27.05
C GLY B 136 8.35 -8.86 -28.14
N ILE B 137 7.97 -9.84 -28.96
CA ILE B 137 6.94 -9.61 -29.99
C ILE B 137 5.66 -9.05 -29.36
N ARG B 138 5.20 -9.66 -28.28
CA ARG B 138 3.99 -9.21 -27.59
C ARG B 138 4.21 -7.84 -26.96
N MET B 139 5.40 -7.59 -26.43
CA MET B 139 5.69 -6.29 -25.86
C MET B 139 5.76 -5.19 -26.92
N LEU B 140 6.30 -5.51 -28.09
CA LEU B 140 6.36 -4.53 -29.16
C LEU B 140 4.94 -4.10 -29.57
N ASP B 141 4.00 -5.05 -29.56
CA ASP B 141 2.61 -4.75 -29.92
C ASP B 141 2.00 -3.77 -28.94
N VAL B 142 2.29 -3.97 -27.67
CA VAL B 142 1.79 -3.13 -26.61
C VAL B 142 2.40 -1.76 -26.77
N LEU B 143 3.72 -1.73 -26.97
CA LEU B 143 4.48 -0.49 -27.13
C LEU B 143 4.01 0.34 -28.29
N GLU B 144 3.71 -0.33 -29.41
CA GLU B 144 3.23 0.35 -30.60
C GLU B 144 1.97 1.15 -30.23
N TYR B 145 1.04 0.49 -29.54
CA TYR B 145 -0.25 1.09 -29.17
C TYR B 145 -0.14 2.18 -28.11
N ILE B 146 0.64 1.99 -27.05
CA ILE B 146 0.72 3.06 -26.07
C ILE B 146 1.44 4.27 -26.66
N HIS B 147 2.42 4.03 -27.53
CA HIS B 147 3.20 5.11 -28.17
C HIS B 147 2.31 5.88 -29.15
N GLU B 148 1.49 5.15 -29.91
CA GLU B 148 0.48 5.77 -30.79
C GLU B 148 -0.39 6.73 -29.97
N ASN B 149 -0.79 6.32 -28.77
CA ASN B 149 -1.57 7.17 -27.89
C ASN B 149 -0.73 8.09 -27.00
N GLU B 150 0.46 8.46 -27.47
CA GLU B 150 1.33 9.42 -26.79
C GLU B 150 1.79 9.03 -25.36
N TYR B 151 1.94 7.74 -25.12
CA TYR B 151 2.39 7.23 -23.82
C TYR B 151 3.67 6.39 -23.95
N VAL B 152 4.68 6.72 -23.14
CA VAL B 152 5.87 5.89 -23.02
C VAL B 152 5.87 5.28 -21.64
N HIS B 153 6.14 3.99 -21.57
CA HIS B 153 6.01 3.25 -20.33
C HIS B 153 7.14 3.56 -19.36
N GLY B 154 8.38 3.42 -19.82
CA GLY B 154 9.56 3.78 -19.03
C GLY B 154 10.06 2.82 -17.97
N ASP B 155 9.44 1.65 -17.84
CA ASP B 155 9.78 0.71 -16.75
C ASP B 155 9.39 -0.75 -16.99
N ILE B 156 9.53 -1.18 -18.25
CA ILE B 156 9.40 -2.59 -18.57
C ILE B 156 10.44 -3.38 -17.79
N LYS B 157 9.97 -4.49 -17.21
CA LYS B 157 10.77 -5.45 -16.49
C LYS B 157 9.88 -6.66 -16.18
N ALA B 158 10.49 -7.75 -15.71
CA ALA B 158 9.74 -8.98 -15.48
C ALA B 158 8.64 -8.78 -14.45
N ALA B 159 8.94 -7.99 -13.42
CA ALA B 159 7.94 -7.61 -12.42
C ALA B 159 6.62 -7.11 -13.06
N ASN B 160 6.71 -6.25 -14.06
CA ASN B 160 5.51 -5.69 -14.65
C ASN B 160 4.96 -6.44 -15.85
N LEU B 161 5.40 -7.68 -16.08
CA LEU B 161 4.70 -8.52 -17.06
C LEU B 161 3.92 -9.58 -16.31
N LEU B 162 2.60 -9.66 -16.52
CA LEU B 162 1.77 -10.63 -15.83
C LEU B 162 1.04 -11.54 -16.81
N LEU B 163 1.08 -12.86 -16.55
CA LEU B 163 0.34 -13.82 -17.38
C LEU B 163 -1.13 -13.61 -17.16
N GLY B 164 -1.93 -13.93 -18.16
CA GLY B 164 -3.37 -13.82 -17.99
C GLY B 164 -3.94 -14.82 -16.99
N TYR B 165 -4.94 -14.40 -16.23
CA TYR B 165 -5.67 -15.29 -15.33
C TYR B 165 -6.59 -16.23 -16.11
N LYS B 166 -7.44 -15.65 -16.96
CA LYS B 166 -8.33 -16.41 -17.82
C LYS B 166 -7.49 -17.27 -18.77
N ASN B 167 -6.51 -16.65 -19.43
CA ASN B 167 -5.60 -17.38 -20.31
C ASN B 167 -4.13 -17.10 -19.91
N PRO B 168 -3.45 -18.09 -19.32
CA PRO B 168 -2.02 -17.99 -19.00
C PRO B 168 -1.03 -18.13 -20.17
N ASP B 169 -1.54 -18.42 -21.38
CA ASP B 169 -0.72 -18.39 -22.59
C ASP B 169 -0.50 -16.95 -23.12
N GLN B 170 -0.99 -15.95 -22.38
CA GLN B 170 -0.94 -14.53 -22.78
C GLN B 170 -0.34 -13.65 -21.69
N VAL B 171 0.40 -12.63 -22.11
CA VAL B 171 1.14 -11.77 -21.18
C VAL B 171 0.70 -10.30 -21.30
N TYR B 172 0.76 -9.58 -20.18
CA TYR B 172 0.23 -8.22 -20.09
C TYR B 172 1.22 -7.28 -19.38
N LEU B 173 1.44 -6.11 -19.97
CA LEU B 173 2.34 -5.13 -19.37
C LEU B 173 1.52 -4.34 -18.40
N ALA B 174 2.14 -3.92 -17.28
CA ALA B 174 1.46 -3.19 -16.22
C ALA B 174 2.30 -2.05 -15.65
N ASP B 175 1.72 -1.36 -14.68
CA ASP B 175 2.32 -0.20 -13.98
C ASP B 175 2.57 1.12 -14.73
N TYR B 176 1.50 1.64 -15.32
CA TYR B 176 1.56 2.88 -16.10
C TYR B 176 1.40 4.11 -15.22
N GLY B 177 1.60 3.94 -13.92
CA GLY B 177 1.39 5.02 -12.96
C GLY B 177 2.27 6.23 -13.23
N LEU B 178 3.57 5.99 -13.33
CA LEU B 178 4.53 7.06 -13.61
C LEU B 178 5.04 7.03 -15.05
N SER B 179 4.33 6.32 -15.93
CA SER B 179 4.59 6.41 -17.36
C SER B 179 4.56 7.88 -17.80
N TYR B 180 5.22 8.18 -18.89
CA TYR B 180 5.32 9.55 -19.36
C TYR B 180 4.52 9.76 -20.62
N ARG B 181 4.12 11.00 -20.82
CA ARG B 181 3.34 11.39 -21.98
C ARG B 181 4.35 11.97 -22.94
N TYR B 182 4.34 11.50 -24.18
CA TYR B 182 5.32 11.98 -25.16
C TYR B 182 4.67 12.13 -26.56
N CYS B 183 4.87 13.27 -27.22
CA CYS B 183 4.39 13.47 -28.62
C CYS B 183 5.51 13.97 -29.54
N PRO B 184 5.56 13.47 -30.79
CA PRO B 184 6.65 13.80 -31.69
C PRO B 184 6.44 15.11 -32.47
N ASN B 200 13.57 7.72 -12.28
CA ASN B 200 12.32 7.22 -11.73
C ASN B 200 11.98 5.81 -12.20
N GLY B 201 12.82 5.19 -13.03
CA GLY B 201 12.63 3.78 -13.43
C GLY B 201 13.51 2.84 -12.61
N THR B 202 13.73 1.62 -13.13
CA THR B 202 14.65 0.65 -12.51
C THR B 202 16.07 0.76 -13.09
N ILE B 203 17.08 0.87 -12.23
CA ILE B 203 18.46 1.18 -12.63
C ILE B 203 19.04 0.13 -13.58
N GLU B 204 18.76 -1.13 -13.26
CA GLU B 204 19.18 -2.26 -14.07
C GLU B 204 18.72 -2.20 -15.54
N PHE B 205 17.47 -1.80 -15.80
CA PHE B 205 16.91 -1.82 -17.17
C PHE B 205 16.66 -0.44 -17.80
N THR B 206 16.94 0.62 -17.07
CA THR B 206 16.59 1.95 -17.53
C THR B 206 17.42 2.34 -18.75
N SER B 207 16.78 3.07 -19.67
CA SER B 207 17.42 3.51 -20.91
C SER B 207 18.52 4.56 -20.72
N LEU B 208 19.38 4.69 -21.72
CA LEU B 208 20.41 5.71 -21.71
C LEU B 208 19.86 7.14 -21.69
N ASP B 209 18.81 7.40 -22.49
CA ASP B 209 18.13 8.67 -22.41
C ASP B 209 17.73 9.03 -20.95
N ALA B 210 17.19 8.04 -20.23
CA ALA B 210 16.79 8.21 -18.84
C ALA B 210 18.00 8.46 -17.97
N HIS B 211 19.07 7.74 -18.26
CA HIS B 211 20.32 7.94 -17.57
C HIS B 211 20.82 9.38 -17.73
N LYS B 212 20.61 9.95 -18.92
CA LYS B 212 21.13 11.29 -19.25
C LYS B 212 20.15 12.41 -18.92
N GLY B 213 19.02 12.09 -18.29
CA GLY B 213 18.05 13.11 -17.91
C GLY B 213 17.21 13.65 -19.04
N VAL B 214 17.31 13.04 -20.22
CA VAL B 214 16.49 13.37 -21.35
C VAL B 214 15.05 12.89 -21.06
N ALA B 215 14.07 13.69 -21.47
CA ALA B 215 12.68 13.29 -21.46
C ALA B 215 12.51 12.07 -22.32
N LEU B 216 11.78 11.08 -21.84
CA LEU B 216 11.68 9.82 -22.55
C LEU B 216 10.87 9.94 -23.84
N SER B 217 11.29 9.18 -24.85
CA SER B 217 10.62 9.08 -26.15
C SER B 217 10.52 7.62 -26.54
N ARG B 218 9.96 7.35 -27.70
CA ARG B 218 9.62 5.99 -28.08
C ARG B 218 10.80 5.02 -28.14
N ARG B 219 12.00 5.50 -28.49
CA ARG B 219 13.15 4.59 -28.61
C ARG B 219 13.63 4.06 -27.25
N SER B 220 13.48 4.85 -26.20
CA SER B 220 13.94 4.44 -24.88
C SER B 220 13.17 3.21 -24.41
N ASP B 221 11.89 3.08 -24.79
CA ASP B 221 11.12 1.89 -24.43
C ASP B 221 11.62 0.63 -25.12
N VAL B 222 12.07 0.77 -26.37
CA VAL B 222 12.58 -0.36 -27.18
C VAL B 222 13.95 -0.80 -26.66
N GLU B 223 14.76 0.18 -26.32
CA GLU B 223 16.03 -0.08 -25.64
C GLU B 223 15.83 -0.92 -24.38
N ILE B 224 14.84 -0.56 -23.57
CA ILE B 224 14.64 -1.24 -22.30
C ILE B 224 14.22 -2.69 -22.53
N LEU B 225 13.24 -2.87 -23.39
CA LEU B 225 12.81 -4.19 -23.83
C LEU B 225 14.00 -5.07 -24.27
N GLY B 226 14.95 -4.46 -24.99
CA GLY B 226 16.19 -5.14 -25.40
C GLY B 226 17.02 -5.58 -24.21
N TYR B 227 17.23 -4.69 -23.24
CA TYR B 227 17.97 -5.06 -22.06
C TYR B 227 17.23 -6.17 -21.32
N CYS B 228 15.90 -6.09 -21.27
CA CYS B 228 15.11 -7.12 -20.58
C CYS B 228 15.29 -8.46 -21.27
N MET B 229 15.16 -8.46 -22.59
CA MET B 229 15.25 -9.68 -23.37
C MET B 229 16.65 -10.32 -23.16
N LEU B 230 17.68 -9.49 -23.12
CA LEU B 230 19.01 -10.03 -22.92
C LEU B 230 19.12 -10.69 -21.55
N ARG B 231 18.60 -10.02 -20.53
CA ARG B 231 18.62 -10.53 -19.17
C ARG B 231 17.91 -11.87 -19.04
N TRP B 232 16.81 -12.02 -19.76
CA TRP B 232 16.04 -13.25 -19.67
C TRP B 232 16.78 -14.36 -20.36
N LEU B 233 17.43 -14.08 -21.49
CA LEU B 233 18.22 -15.15 -22.15
C LEU B 233 19.46 -15.54 -21.35
N CYS B 234 20.18 -14.56 -20.83
CA CYS B 234 21.51 -14.77 -20.24
C CYS B 234 21.52 -14.93 -18.74
N GLY B 235 20.45 -14.53 -18.07
CA GLY B 235 20.38 -14.65 -16.61
C GLY B 235 21.07 -13.55 -15.83
N LYS B 236 21.94 -12.79 -16.49
CA LYS B 236 22.64 -11.68 -15.85
C LYS B 236 22.92 -10.60 -16.90
N LEU B 237 23.33 -9.42 -16.43
CA LEU B 237 23.78 -8.37 -17.32
C LEU B 237 25.16 -7.91 -16.88
N PRO B 238 25.93 -7.34 -17.81
CA PRO B 238 27.25 -6.78 -17.53
C PRO B 238 27.30 -5.86 -16.31
N TRP B 239 26.31 -4.99 -16.14
CA TRP B 239 26.33 -4.02 -15.02
C TRP B 239 25.79 -4.61 -13.69
N GLU B 240 25.43 -5.90 -13.68
CA GLU B 240 24.82 -6.54 -12.50
C GLU B 240 25.63 -6.38 -11.22
N GLN B 241 26.96 -6.39 -11.32
CA GLN B 241 27.82 -6.24 -10.15
C GLN B 241 28.02 -4.77 -9.74
N ASN B 242 27.58 -3.82 -10.58
CA ASN B 242 27.83 -2.39 -10.35
C ASN B 242 26.55 -1.52 -10.29
N LEU B 243 25.49 -1.99 -9.63
CA LEU B 243 24.20 -1.27 -9.63
C LEU B 243 24.09 -0.05 -8.69
N LYS B 244 24.83 -0.02 -7.58
CA LYS B 244 24.79 1.14 -6.70
C LYS B 244 25.35 2.39 -7.39
N ASP B 245 26.24 2.20 -8.37
CA ASP B 245 26.77 3.35 -9.14
C ASP B 245 26.13 3.49 -10.54
N PRO B 246 25.33 4.55 -10.73
CA PRO B 246 24.63 4.75 -11.99
C PRO B 246 25.55 5.12 -13.16
N VAL B 247 26.61 5.87 -12.89
CA VAL B 247 27.53 6.29 -13.96
C VAL B 247 28.25 5.09 -14.57
N ALA B 248 28.58 4.13 -13.70
CA ALA B 248 29.10 2.82 -14.08
C ALA B 248 28.14 2.12 -15.02
N VAL B 249 26.87 2.07 -14.62
CA VAL B 249 25.86 1.42 -15.46
C VAL B 249 25.69 2.18 -16.78
N GLN B 250 25.73 3.51 -16.73
CA GLN B 250 25.57 4.29 -17.93
C GLN B 250 26.72 4.03 -18.86
N THR B 251 27.94 3.95 -18.31
CA THR B 251 29.11 3.68 -19.15
C THR B 251 29.00 2.26 -19.75
N ALA B 252 28.65 1.30 -18.91
CA ALA B 252 28.48 -0.08 -19.33
C ALA B 252 27.49 -0.22 -20.50
N LYS B 253 26.38 0.52 -20.42
CA LYS B 253 25.31 0.40 -21.39
C LYS B 253 25.73 1.02 -22.70
N THR B 254 26.41 2.14 -22.59
CA THR B 254 26.99 2.82 -23.73
C THR B 254 27.99 1.92 -24.48
N ASN B 255 28.92 1.29 -23.74
CA ASN B 255 29.90 0.38 -24.36
C ASN B 255 29.17 -0.76 -25.05
N LEU B 256 28.19 -1.37 -24.38
CA LEU B 256 27.47 -2.48 -24.98
C LEU B 256 26.82 -2.08 -26.30
N LEU B 257 26.10 -0.97 -26.30
CA LEU B 257 25.41 -0.55 -27.51
C LEU B 257 26.36 0.01 -28.57
N ASP B 258 27.43 0.68 -28.12
CA ASP B 258 28.43 1.25 -29.04
C ASP B 258 29.20 0.16 -29.77
N GLU B 259 29.37 -0.99 -29.13
CA GLU B 259 30.15 -2.09 -29.70
C GLU B 259 29.33 -3.23 -30.33
N LEU B 260 28.08 -2.96 -30.69
CA LEU B 260 27.20 -4.00 -31.23
C LEU B 260 27.67 -4.42 -32.60
N PRO B 261 27.42 -5.68 -33.01
CA PRO B 261 26.74 -6.70 -32.20
C PRO B 261 27.66 -7.61 -31.41
N GLN B 262 28.97 -7.48 -31.60
CA GLN B 262 29.89 -8.40 -30.97
C GLN B 262 29.85 -8.35 -29.43
N SER B 263 29.65 -7.16 -28.84
CA SER B 263 29.60 -7.02 -27.38
C SER B 263 28.57 -7.95 -26.73
N VAL B 264 27.42 -8.10 -27.38
CA VAL B 264 26.36 -8.99 -26.89
C VAL B 264 26.72 -10.46 -27.11
N LEU B 265 27.14 -10.77 -28.33
CA LEU B 265 27.47 -12.15 -28.72
C LEU B 265 28.62 -12.72 -27.85
N LYS B 266 29.63 -11.89 -27.61
CA LYS B 266 30.75 -12.26 -26.74
C LYS B 266 30.38 -12.26 -25.23
N TRP B 267 29.46 -11.40 -24.79
CA TRP B 267 29.00 -11.43 -23.39
C TRP B 267 28.31 -12.73 -23.00
N ALA B 268 27.41 -13.15 -23.89
CA ALA B 268 26.51 -14.23 -23.62
C ALA B 268 27.27 -15.50 -23.22
N PRO B 269 26.80 -16.16 -22.14
CA PRO B 269 27.21 -17.54 -21.86
C PRO B 269 26.91 -18.51 -23.01
N SER B 270 27.67 -19.60 -23.07
CA SER B 270 27.67 -20.48 -24.23
C SER B 270 26.38 -21.25 -24.38
N GLY B 271 26.05 -21.58 -25.63
CA GLY B 271 24.85 -22.35 -25.95
C GLY B 271 23.55 -21.55 -25.94
N SER B 272 23.61 -20.28 -25.51
CA SER B 272 22.47 -19.38 -25.51
C SER B 272 22.57 -18.50 -26.76
N SER B 273 21.54 -18.50 -27.61
CA SER B 273 21.63 -17.77 -28.86
C SER B 273 21.15 -16.34 -28.68
N CYS B 274 22.10 -15.41 -28.68
CA CYS B 274 21.80 -14.00 -28.55
C CYS B 274 21.80 -13.29 -29.90
N CYS B 275 21.81 -14.05 -30.98
CA CYS B 275 21.86 -13.47 -32.31
C CYS B 275 20.65 -12.59 -32.60
N GLU B 276 19.46 -13.05 -32.25
CA GLU B 276 18.27 -12.25 -32.48
C GLU B 276 18.27 -10.99 -31.64
N ILE B 277 18.69 -11.12 -30.39
CA ILE B 277 18.71 -10.00 -29.46
C ILE B 277 19.68 -8.92 -29.90
N ALA B 278 20.88 -9.33 -30.29
CA ALA B 278 21.88 -8.40 -30.85
C ALA B 278 21.36 -7.61 -32.05
N GLN B 279 20.71 -8.27 -33.00
CA GLN B 279 20.13 -7.59 -34.14
C GLN B 279 19.08 -6.57 -33.69
N PHE B 280 18.28 -6.98 -32.72
CA PHE B 280 17.27 -6.12 -32.10
C PHE B 280 17.90 -4.88 -31.45
N LEU B 281 18.97 -5.07 -30.66
CA LEU B 281 19.66 -3.93 -30.03
C LEU B 281 20.29 -3.00 -31.07
N VAL B 282 20.76 -3.56 -32.18
CA VAL B 282 21.31 -2.77 -33.27
C VAL B 282 20.21 -1.90 -33.85
N CYS B 283 19.09 -2.52 -34.14
CA CYS B 283 17.97 -1.84 -34.76
C CYS B 283 17.41 -0.75 -33.84
N ALA B 284 17.29 -1.10 -32.56
CA ALA B 284 16.85 -0.17 -31.53
C ALA B 284 17.78 1.01 -31.37
N HIS B 285 19.09 0.77 -31.40
CA HIS B 285 20.06 1.84 -31.18
C HIS B 285 20.19 2.79 -32.35
N SER B 286 19.78 2.35 -33.54
CA SER B 286 19.85 3.19 -34.71
C SER B 286 18.87 4.37 -34.66
N LEU B 287 17.85 4.30 -33.80
CA LEU B 287 16.78 5.32 -33.74
C LEU B 287 17.21 6.72 -33.29
N ALA B 288 16.75 7.73 -34.00
CA ALA B 288 16.88 9.11 -33.52
C ALA B 288 15.77 9.42 -32.53
N TYR B 289 15.98 10.48 -31.75
CA TYR B 289 15.13 10.78 -30.60
C TYR B 289 13.63 10.95 -30.85
N ASP B 290 13.25 11.49 -31.98
CA ASP B 290 11.83 11.65 -32.26
C ASP B 290 11.46 10.65 -33.32
N GLU B 291 12.20 9.57 -33.42
CA GLU B 291 11.96 8.59 -34.48
C GLU B 291 10.97 7.47 -34.11
N LYS B 292 10.02 7.22 -35.01
CA LYS B 292 9.05 6.17 -34.80
C LYS B 292 9.77 4.85 -35.03
N PRO B 293 9.72 3.95 -34.02
CA PRO B 293 10.31 2.67 -34.22
C PRO B 293 9.60 1.93 -35.34
N ASN B 294 10.33 1.09 -36.07
CA ASN B 294 9.71 0.15 -36.96
C ASN B 294 9.34 -1.12 -36.20
N TYR B 295 8.13 -1.10 -35.66
CA TYR B 295 7.63 -2.21 -34.86
C TYR B 295 7.57 -3.50 -35.68
N GLN B 296 7.00 -3.44 -36.87
CA GLN B 296 6.89 -4.63 -37.73
C GLN B 296 8.27 -5.22 -38.03
N ALA B 297 9.22 -4.35 -38.38
CA ALA B 297 10.61 -4.76 -38.61
C ALA B 297 11.27 -5.35 -37.36
N LEU B 298 11.02 -4.74 -36.19
CA LEU B 298 11.61 -5.20 -34.93
C LEU B 298 11.13 -6.60 -34.52
N LYS B 299 9.86 -6.87 -34.81
CA LYS B 299 9.23 -8.16 -34.53
C LYS B 299 9.79 -9.23 -35.47
N LYS B 300 10.09 -8.84 -36.71
CA LYS B 300 10.64 -9.75 -37.73
C LYS B 300 12.03 -10.23 -37.32
N ILE B 301 12.79 -9.35 -36.68
CA ILE B 301 14.10 -9.72 -36.11
C ILE B 301 13.92 -10.88 -35.12
N LEU B 302 12.93 -10.77 -34.26
CA LEU B 302 12.65 -11.75 -33.23
C LEU B 302 12.06 -13.06 -33.74
N ASN B 303 11.43 -13.03 -34.91
CA ASN B 303 10.91 -14.24 -35.54
C ASN B 303 11.30 -14.24 -37.03
N PRO B 304 12.60 -14.40 -37.31
CA PRO B 304 13.08 -14.39 -38.69
C PRO B 304 12.48 -15.49 -39.57
N HIS B 305 12.26 -16.68 -39.01
CA HIS B 305 11.68 -17.78 -39.79
C HIS B 305 10.24 -17.48 -40.19
N GLY B 306 9.52 -16.66 -39.41
CA GLY B 306 8.10 -16.40 -39.67
C GLY B 306 7.17 -17.48 -39.14
N ILE B 307 7.60 -18.14 -38.07
CA ILE B 307 6.83 -19.20 -37.38
C ILE B 307 5.56 -18.59 -36.74
N PRO B 308 4.46 -19.36 -36.64
CA PRO B 308 3.34 -18.90 -35.78
C PRO B 308 3.71 -18.91 -34.29
N LEU B 309 3.31 -17.88 -33.56
CA LEU B 309 3.59 -17.81 -32.12
C LEU B 309 2.69 -18.80 -31.37
N GLY B 310 3.29 -19.85 -30.79
CA GLY B 310 2.55 -20.86 -30.04
C GLY B 310 2.29 -20.46 -28.59
N PRO B 311 1.94 -21.43 -27.73
CA PRO B 311 1.71 -21.10 -26.33
C PRO B 311 3.04 -20.83 -25.63
N LEU B 312 3.07 -19.87 -24.72
CA LEU B 312 4.29 -19.51 -24.03
C LEU B 312 4.73 -20.66 -23.14
N ASP B 313 6.03 -20.94 -23.11
CA ASP B 313 6.54 -22.07 -22.35
C ASP B 313 7.46 -21.63 -21.21
N PHE B 314 7.15 -22.09 -20.00
CA PHE B 314 7.94 -21.72 -18.81
C PHE B 314 8.46 -22.95 -18.04
N SER B 315 9.08 -23.89 -18.75
CA SER B 315 9.66 -25.10 -18.14
C SER B 315 10.60 -24.75 -16.99
C4 KJD C . -15.49 10.99 13.90
C14 KJD C . -15.11 13.90 11.53
C5 KJD C . -15.20 9.62 13.88
C6 KJD C . -14.90 7.44 15.06
C11 KJD C . -15.25 5.25 14.19
C7 KJD C . -15.45 11.78 12.65
C8 KJD C . -13.99 6.92 15.97
C9 KJD C . -13.72 5.58 15.96
C10 KJD C . -14.34 4.72 15.08
C12 KJD C . -15.54 6.59 14.18
C13 KJD C . -15.17 13.14 12.69
N1 KJD C . -15.74 10.91 16.30
N2 KJD C . -15.50 8.96 17.46
C3 KJD C . -15.73 11.57 15.13
N3 KJD C . -15.13 13.29 7.59
C1 KJD C . -15.21 8.90 15.07
C2 KJD C . -15.47 9.59 16.28
C15 KJD C . -15.35 13.31 10.31
C16 KJD C . -15.64 11.95 10.24
C17 KJD C . -15.68 11.20 11.40
F1 KJD C . -12.81 5.08 16.85
O1 KJD C . -14.05 3.40 15.09
F2 KJD C . -15.88 4.42 13.31
S1 KJD C . -15.27 14.28 8.84
O2 KJD C . -14.07 15.05 8.91
O3 KJD C . -16.52 14.95 8.70
S SO4 D . 9.89 -4.51 19.16
O1 SO4 D . 10.70 -4.34 17.94
O2 SO4 D . 10.62 -5.34 20.14
O3 SO4 D . 9.62 -3.18 19.76
O4 SO4 D . 8.61 -5.18 18.83
C4 KJD E . -3.10 -8.97 -10.03
C14 KJD E . -1.89 -12.08 -8.27
C5 KJD E . -2.62 -7.68 -10.23
C6 KJD E . -2.64 -5.50 -11.42
C11 KJD E . -1.73 -3.45 -10.58
C7 KJD E . -2.50 -9.86 -9.02
C8 KJD E . -2.51 -4.98 -12.71
C9 KJD E . -2.00 -3.74 -12.91
C10 KJD E . -1.60 -2.94 -11.86
C12 KJD E . -2.25 -4.71 -10.35
C13 KJD E . -2.46 -11.24 -9.22
N1 KJD E . -4.71 -8.63 -11.81
N2 KJD E . -4.82 -6.66 -12.95
C3 KJD E . -4.14 -9.38 -10.87
N3 KJD E . -1.81 -13.19 -4.96
C1 KJD E . -3.19 -6.86 -11.19
C2 KJD E . -4.24 -7.39 -12.00
C15 KJD E . -1.36 -11.55 -7.11
C16 KJD E . -1.39 -10.19 -6.89
C17 KJD E . -1.96 -9.35 -7.84
F1 KJD E . -1.89 -3.26 -14.19
O1 KJD E . -1.11 -1.70 -12.06
F2 KJD E . -1.34 -2.68 -9.52
S1 KJD E . -0.64 -12.63 -5.92
O2 KJD E . 0.22 -11.84 -5.09
O3 KJD E . -0.10 -13.75 -6.62
#